data_8B0W
#
_entry.id   8B0W
#
_cell.length_a   43.388
_cell.length_b   58.153
_cell.length_c   110.901
_cell.angle_alpha   90.000
_cell.angle_beta   90.000
_cell.angle_gamma   90.000
#
_symmetry.space_group_name_H-M   'P 21 21 21'
#
loop_
_entity.id
_entity.type
_entity.pdbx_description
1 polymer Galectin-1
2 polymer Galectin-1
3 non-polymer BETA-MERCAPTOETHANOL
4 non-polymer ~{N}-[(2~{R},3~{R},4~{R},5~{S},6~{R})-6-(hydroxymethyl)-5-[(2~{S},3~{R},4~{S},5~{S},6~{R})-6-(hydroxymethyl)-3,5-bis(oxidanyl)-4-(1~{H}-1,2,3-triazol-4-ylmethoxy)oxan-2-yl]oxy-4-oxidanyl-2-propoxy-oxan-3-yl]ethanamide
5 non-polymer 'SULFATE ION'
6 water water
#
loop_
_entity_poly.entity_id
_entity_poly.type
_entity_poly.pdbx_seq_one_letter_code
_entity_poly.pdbx_strand_id
1 'polypeptide(L)'
;CGLVASNLNLKPGE(CME)LRVRGEVAPDAKSFVLNLGKDSNNLCLHFNPRFNAHGDANTIVCNSKDGGAWGTEQREAVF
PFQPGSVAEV(CME)ITFDQANLTVKLPDGYEFKFPNRLNLEAINYMAADGDFKIK(CME)VAFD
;
A
2 'polypeptide(L)'
;CGLVASNLNLKPGE(CME)LRVRGEVAPDAKSFVLNLGKDSNNLCLHFNPRFNAHGDANTIVCNSKDGGAWGTEQREAVF
PFQPGSVAEV(CME)ITFDQANLTVKLPDGYEFKFPNRLNLEAINYMAADGDFKIKCVAFD
;
B
#
loop_
_chem_comp.id
_chem_comp.type
_chem_comp.name
_chem_comp.formula
BME non-polymer BETA-MERCAPTOETHANOL 'C2 H6 O S'
OVD non-polymer ~{N}-[(2~{R},3~{R},4~{R},5~{S},6~{R})-6-(hydroxymethyl)-5-[(2~{S},3~{R},4~{S},5~{S},6~{R})-6-(hydroxymethyl)-3,5-bis(oxidanyl)-4-(1~{H}-1,2,3-triazol-4-ylmethoxy)oxan-2-yl]oxy-4-oxidanyl-2-propoxy-oxan-3-yl]ethanamide 'C20 H34 N4 O11'
SO4 non-polymer 'SULFATE ION' 'O4 S -2'
#
# COMPACT_ATOMS: atom_id res chain seq x y z
N CYS A 1 -0.49 -2.55 -14.93
CA CYS A 1 0.32 -2.20 -13.75
C CYS A 1 -0.56 -1.78 -12.56
N GLY A 2 -0.36 -2.46 -11.44
CA GLY A 2 -1.13 -2.29 -10.26
C GLY A 2 -0.37 -1.55 -9.18
N LEU A 3 -0.78 -1.77 -7.95
N LEU A 3 -0.82 -1.72 -7.96
CA LEU A 3 -0.23 -1.05 -6.80
CA LEU A 3 -0.20 -1.06 -6.82
C LEU A 3 1.27 -1.25 -6.64
C LEU A 3 1.31 -1.21 -6.86
N VAL A 4 2.00 -0.15 -6.46
CA VAL A 4 3.42 -0.15 -6.16
C VAL A 4 3.58 0.49 -4.80
N ALA A 5 4.30 -0.15 -3.91
CA ALA A 5 4.59 0.42 -2.61
C ALA A 5 6.09 0.37 -2.38
N SER A 6 6.63 1.45 -1.80
CA SER A 6 8.02 1.53 -1.44
C SER A 6 8.15 2.03 0.01
N ASN A 7 9.37 1.99 0.51
CA ASN A 7 9.67 2.21 1.92
C ASN A 7 8.89 1.28 2.86
N LEU A 8 8.69 0.04 2.46
CA LEU A 8 7.93 -0.87 3.31
C LEU A 8 8.68 -1.22 4.60
N ASN A 9 10.01 -1.28 4.55
CA ASN A 9 10.82 -1.64 5.72
C ASN A 9 10.33 -2.92 6.39
N LEU A 10 10.03 -3.94 5.59
CA LEU A 10 9.61 -5.22 6.14
C LEU A 10 10.85 -5.99 6.58
N LYS A 11 10.92 -6.29 7.86
CA LYS A 11 12.09 -6.92 8.43
C LYS A 11 11.93 -8.44 8.53
N PRO A 12 13.04 -9.17 8.65
CA PRO A 12 12.94 -10.62 8.82
C PRO A 12 11.95 -10.99 9.91
N GLY A 13 11.12 -11.99 9.61
CA GLY A 13 10.14 -12.48 10.55
C GLY A 13 8.81 -11.76 10.49
N GLU A 14 8.78 -10.56 9.93
CA GLU A 14 7.54 -9.79 9.84
C GLU A 14 6.70 -10.33 8.70
N CME A 15 5.39 -10.17 8.80
CA CME A 15 4.49 -10.73 7.81
CB CME A 15 3.36 -11.54 8.43
SG CME A 15 2.32 -12.44 7.30
SD CME A 15 3.25 -14.22 6.79
CE CME A 15 2.90 -15.28 8.13
CZ CME A 15 1.41 -15.47 8.44
OH CME A 15 1.36 -16.69 9.15
C CME A 15 3.84 -9.66 6.97
O CME A 15 3.23 -8.70 7.44
HA CME A 15 5.13 -11.36 7.11
HB2 CME A 15 2.72 -10.85 9.03
HB3 CME A 15 3.81 -12.28 9.15
HE2 CME A 15 3.45 -14.83 9.00
HE3 CME A 15 3.39 -16.25 7.88
HZ2 CME A 15 0.81 -15.53 7.50
HZ3 CME A 15 1.02 -14.63 9.07
HH CME A 15 0.45 -17.01 9.14
N LEU A 16 3.96 -9.85 5.65
CA LEU A 16 3.21 -9.07 4.67
C LEU A 16 2.02 -9.87 4.17
N ARG A 17 0.82 -9.31 4.32
CA ARG A 17 -0.41 -9.94 3.87
C ARG A 17 -1.02 -9.09 2.76
N VAL A 18 -1.42 -9.74 1.68
CA VAL A 18 -2.06 -9.10 0.53
C VAL A 18 -3.31 -9.88 0.17
N ARG A 19 -4.46 -9.20 0.17
CA ARG A 19 -5.69 -9.82 -0.26
C ARG A 19 -6.14 -9.11 -1.52
N GLY A 20 -6.64 -9.87 -2.52
CA GLY A 20 -7.06 -9.29 -3.79
C GLY A 20 -8.13 -10.16 -4.43
N GLU A 21 -8.79 -9.60 -5.44
CA GLU A 21 -9.77 -10.32 -6.22
C GLU A 21 -9.13 -10.79 -7.52
N VAL A 22 -9.17 -12.10 -7.77
CA VAL A 22 -8.70 -12.66 -9.04
C VAL A 22 -9.80 -12.46 -10.09
N ALA A 23 -9.43 -11.88 -11.23
CA ALA A 23 -10.39 -11.63 -12.28
C ALA A 23 -11.08 -12.92 -12.74
N PRO A 24 -12.36 -12.87 -13.09
CA PRO A 24 -13.05 -14.07 -13.59
C PRO A 24 -12.40 -14.65 -14.82
N ASP A 25 -11.77 -13.80 -15.65
CA ASP A 25 -11.07 -14.24 -16.86
C ASP A 25 -9.55 -14.14 -16.69
N ALA A 26 -9.10 -14.28 -15.44
CA ALA A 26 -7.69 -14.08 -15.12
C ALA A 26 -6.81 -15.00 -15.94
N LYS A 27 -5.71 -14.45 -16.45
CA LYS A 27 -4.68 -15.25 -17.10
C LYS A 27 -3.45 -15.41 -16.23
N SER A 28 -3.08 -14.39 -15.46
N SER A 28 -3.14 -14.41 -15.44
CA SER A 28 -1.81 -14.35 -14.74
CA SER A 28 -1.99 -14.48 -14.56
C SER A 28 -1.81 -13.13 -13.84
C SER A 28 -2.01 -13.22 -13.71
N PHE A 29 -1.20 -13.25 -12.66
CA PHE A 29 -0.92 -12.07 -11.86
C PHE A 29 0.44 -12.25 -11.24
N VAL A 30 0.98 -11.11 -10.79
CA VAL A 30 2.33 -10.99 -10.29
C VAL A 30 2.33 -10.21 -8.99
N LEU A 31 2.98 -10.72 -7.97
N LEU A 31 3.09 -10.69 -8.02
CA LEU A 31 3.47 -9.92 -6.87
CA LEU A 31 3.46 -9.92 -6.84
C LEU A 31 5.01 -9.95 -6.94
C LEU A 31 4.99 -9.93 -6.73
N ASN A 32 5.60 -8.77 -6.94
CA ASN A 32 7.05 -8.60 -6.88
C ASN A 32 7.43 -7.96 -5.56
N LEU A 33 8.41 -8.54 -4.89
CA LEU A 33 8.95 -8.03 -3.65
C LEU A 33 10.46 -7.89 -3.73
N GLY A 34 10.99 -6.84 -3.16
CA GLY A 34 12.43 -6.67 -3.15
C GLY A 34 12.85 -5.30 -2.68
N LYS A 35 13.88 -4.79 -3.36
CA LYS A 35 14.42 -3.47 -3.10
C LYS A 35 13.85 -2.41 -4.04
N ASP A 36 13.72 -2.75 -5.31
CA ASP A 36 13.23 -1.91 -6.40
C ASP A 36 12.96 -2.82 -7.59
N SER A 37 12.53 -2.22 -8.70
CA SER A 37 12.08 -3.00 -9.84
C SER A 37 13.19 -3.83 -10.46
N ASN A 38 14.46 -3.49 -10.24
CA ASN A 38 15.56 -4.28 -10.76
C ASN A 38 16.09 -5.31 -9.78
N ASN A 39 15.56 -5.36 -8.56
CA ASN A 39 16.17 -6.14 -7.48
C ASN A 39 15.03 -6.77 -6.68
N LEU A 40 14.65 -7.96 -7.09
CA LEU A 40 13.48 -8.65 -6.55
C LEU A 40 13.95 -9.92 -5.86
N CYS A 41 13.72 -10.00 -4.57
CA CYS A 41 13.91 -11.28 -3.91
C CYS A 41 12.80 -12.28 -4.15
N LEU A 42 11.62 -11.82 -4.58
CA LEU A 42 10.56 -12.74 -4.98
C LEU A 42 9.73 -12.11 -6.08
N HIS A 43 9.68 -12.77 -7.21
CA HIS A 43 8.73 -12.58 -8.29
C HIS A 43 7.79 -13.76 -8.20
N PHE A 44 6.56 -13.51 -7.82
CA PHE A 44 5.57 -14.55 -7.52
C PHE A 44 4.51 -14.44 -8.60
N ASN A 45 4.38 -15.44 -9.45
CA ASN A 45 3.60 -15.34 -10.68
C ASN A 45 2.71 -16.56 -10.88
N PRO A 46 1.53 -16.56 -10.25
CA PRO A 46 0.52 -17.57 -10.61
C PRO A 46 0.06 -17.39 -12.04
N ARG A 47 0.21 -18.47 -12.84
CA ARG A 47 -0.21 -18.48 -14.24
C ARG A 47 -1.43 -19.38 -14.38
N PHE A 48 -2.58 -18.76 -14.67
CA PHE A 48 -3.79 -19.54 -14.96
C PHE A 48 -3.73 -20.10 -16.37
N ASN A 49 -3.43 -19.24 -17.33
CA ASN A 49 -3.22 -19.61 -18.74
C ASN A 49 -2.34 -18.51 -19.32
N ALA A 50 -1.02 -18.70 -19.21
CA ALA A 50 -0.07 -17.69 -19.68
C ALA A 50 1.26 -18.37 -19.95
N HIS A 51 1.94 -17.92 -21.01
CA HIS A 51 3.26 -18.44 -21.40
C HIS A 51 3.23 -19.95 -21.62
N GLY A 52 2.13 -20.46 -22.16
CA GLY A 52 2.00 -21.88 -22.34
C GLY A 52 1.84 -22.68 -21.06
N ASP A 53 1.61 -22.02 -19.93
CA ASP A 53 1.47 -22.67 -18.64
C ASP A 53 0.03 -22.57 -18.17
N ALA A 54 -0.46 -23.63 -17.54
CA ALA A 54 -1.82 -23.69 -16.99
C ALA A 54 -1.76 -24.04 -15.51
N ASN A 55 -2.40 -23.23 -14.69
CA ASN A 55 -2.52 -23.47 -13.25
C ASN A 55 -1.17 -23.85 -12.64
N THR A 56 -0.18 -22.96 -12.83
CA THR A 56 1.17 -23.17 -12.35
C THR A 56 1.69 -21.88 -11.68
N ILE A 57 2.26 -22.01 -10.47
CA ILE A 57 2.94 -20.91 -9.81
C ILE A 57 4.38 -20.91 -10.26
N VAL A 58 4.79 -19.82 -10.90
CA VAL A 58 6.16 -19.58 -11.32
C VAL A 58 6.77 -18.58 -10.36
N CYS A 59 7.94 -18.89 -9.82
CA CYS A 59 8.69 -17.94 -9.00
C CYS A 59 10.08 -17.71 -9.57
N ASN A 60 10.62 -16.53 -9.32
CA ASN A 60 11.99 -16.22 -9.71
C ASN A 60 12.49 -15.08 -8.84
N SER A 61 13.77 -14.77 -8.99
CA SER A 61 14.40 -13.58 -8.44
C SER A 61 14.90 -12.72 -9.59
N LYS A 62 15.25 -11.48 -9.25
CA LYS A 62 15.87 -10.57 -10.20
C LYS A 62 16.97 -9.83 -9.44
N ASP A 63 18.19 -9.90 -9.94
CA ASP A 63 19.32 -9.34 -9.21
C ASP A 63 20.03 -8.38 -10.16
N GLY A 64 20.01 -7.09 -9.83
CA GLY A 64 20.65 -6.15 -10.72
C GLY A 64 20.13 -6.22 -12.14
N GLY A 65 18.84 -6.40 -12.31
CA GLY A 65 18.24 -6.48 -13.63
C GLY A 65 18.19 -7.87 -14.27
N ALA A 66 18.90 -8.85 -13.71
CA ALA A 66 19.03 -10.16 -14.32
C ALA A 66 18.07 -11.14 -13.66
N TRP A 67 17.20 -11.72 -14.46
CA TRP A 67 16.38 -12.80 -13.94
C TRP A 67 17.26 -13.96 -13.48
N GLY A 68 16.90 -14.54 -12.33
CA GLY A 68 17.52 -15.75 -11.86
C GLY A 68 16.94 -16.99 -12.49
N THR A 69 17.22 -18.11 -11.82
CA THR A 69 16.72 -19.41 -12.23
C THR A 69 15.28 -19.61 -11.75
N GLU A 70 14.36 -19.73 -12.69
CA GLU A 70 12.95 -19.96 -12.40
C GLU A 70 12.71 -21.29 -11.70
N GLN A 71 11.74 -21.30 -10.80
CA GLN A 71 11.25 -22.50 -10.13
C GLN A 71 9.74 -22.52 -10.22
N ARG A 72 9.16 -23.70 -10.27
CA ARG A 72 7.73 -23.86 -10.28
C ARG A 72 7.26 -24.70 -9.10
N GLU A 73 6.08 -24.36 -8.58
CA GLU A 73 5.49 -25.10 -7.46
C GLU A 73 4.50 -26.15 -8.01
N ALA A 74 4.02 -26.99 -7.10
CA ALA A 74 3.21 -28.11 -7.57
C ALA A 74 1.78 -28.05 -7.08
N VAL A 75 1.35 -26.96 -6.48
N VAL A 75 1.36 -26.92 -6.49
CA VAL A 75 -0.06 -26.80 -6.27
CA VAL A 75 -0.01 -26.71 -6.01
C VAL A 75 -0.46 -25.45 -6.81
C VAL A 75 -0.49 -25.34 -6.48
N PHE A 76 -1.76 -25.26 -6.87
CA PHE A 76 -2.33 -24.04 -7.42
C PHE A 76 -3.64 -23.73 -6.74
N PRO A 77 -3.59 -23.10 -5.58
CA PRO A 77 -4.78 -22.83 -4.78
C PRO A 77 -5.43 -21.49 -5.11
N PHE A 78 -5.62 -21.23 -6.40
CA PHE A 78 -6.27 -20.01 -6.87
C PHE A 78 -7.36 -20.39 -7.85
N GLN A 79 -8.43 -19.61 -7.83
CA GLN A 79 -9.57 -19.81 -8.72
C GLN A 79 -9.90 -18.46 -9.36
N PRO A 80 -10.08 -18.39 -10.67
CA PRO A 80 -10.60 -17.13 -11.24
C PRO A 80 -11.93 -16.76 -10.62
N GLY A 81 -12.14 -15.46 -10.44
CA GLY A 81 -13.40 -15.00 -9.91
C GLY A 81 -13.58 -15.20 -8.42
N SER A 82 -12.49 -15.18 -7.65
CA SER A 82 -12.57 -15.37 -6.21
C SER A 82 -11.59 -14.42 -5.53
N VAL A 83 -11.71 -14.32 -4.22
CA VAL A 83 -10.79 -13.55 -3.40
C VAL A 83 -9.69 -14.48 -2.91
N ALA A 84 -8.46 -13.97 -2.91
CA ALA A 84 -7.30 -14.73 -2.46
C ALA A 84 -6.40 -13.87 -1.59
N GLU A 85 -5.88 -14.48 -0.53
CA GLU A 85 -4.89 -13.87 0.34
C GLU A 85 -3.56 -14.60 0.21
N VAL A 86 -2.49 -13.82 0.07
CA VAL A 86 -1.10 -14.29 0.04
C VAL A 86 -0.39 -13.68 1.28
N CME A 87 0.39 -14.48 1.99
CA CME A 87 1.12 -14.00 3.14
CB CME A 87 0.61 -14.54 4.46
SG CME A 87 -1.13 -14.26 4.71
SD CME A 87 -1.89 -16.03 5.55
CE CME A 87 -2.19 -16.98 4.12
CZ CME A 87 -3.46 -16.54 3.42
OH CME A 87 -3.81 -17.53 2.47
C CME A 87 2.56 -14.41 2.98
O CME A 87 2.91 -15.54 2.69
HA CME A 87 1.08 -12.87 3.16
HB2 CME A 87 1.18 -14.05 5.30
HB3 CME A 87 0.82 -15.64 4.50
HE2 CME A 87 -2.22 -18.05 4.46
HE3 CME A 87 -1.27 -16.86 3.47
HZ2 CME A 87 -3.29 -15.57 2.89
HZ3 CME A 87 -4.29 -16.42 4.16
HH CME A 87 -4.17 -17.07 1.71
N ILE A 88 3.45 -13.44 3.14
CA ILE A 88 4.85 -13.67 2.89
C ILE A 88 5.69 -13.19 4.07
N THR A 89 6.69 -14.00 4.42
N THR A 89 6.65 -14.02 4.45
CA THR A 89 7.71 -13.64 5.41
CA THR A 89 7.71 -13.65 5.38
C THR A 89 9.04 -14.16 4.90
C THR A 89 9.06 -13.95 4.73
N PHE A 90 10.13 -13.62 5.44
CA PHE A 90 11.46 -14.04 4.98
C PHE A 90 12.44 -14.03 6.14
N ASP A 91 13.51 -14.81 5.95
CA ASP A 91 14.73 -14.71 6.73
C ASP A 91 15.89 -14.72 5.74
N GLN A 92 17.13 -14.82 6.22
CA GLN A 92 18.27 -14.77 5.30
C GLN A 92 18.28 -15.93 4.32
N ALA A 93 17.76 -17.10 4.71
CA ALA A 93 17.83 -18.27 3.87
C ALA A 93 16.71 -18.34 2.85
N ASN A 94 15.48 -18.00 3.26
CA ASN A 94 14.31 -18.29 2.44
C ASN A 94 13.22 -17.24 2.62
N LEU A 95 12.43 -17.09 1.59
CA LEU A 95 11.10 -16.51 1.74
C LEU A 95 10.12 -17.65 1.98
N THR A 96 9.13 -17.43 2.85
CA THR A 96 8.06 -18.38 3.08
C THR A 96 6.77 -17.74 2.57
N VAL A 97 6.13 -18.38 1.60
CA VAL A 97 4.90 -17.94 0.98
C VAL A 97 3.76 -18.84 1.43
N LYS A 98 2.78 -18.26 2.10
CA LYS A 98 1.61 -18.97 2.58
C LYS A 98 0.41 -18.55 1.75
N LEU A 99 -0.29 -19.55 1.24
CA LEU A 99 -1.34 -19.34 0.27
C LEU A 99 -2.67 -19.87 0.78
N PRO A 100 -3.72 -19.72 0.02
CA PRO A 100 -5.00 -20.32 0.44
C PRO A 100 -4.91 -21.84 0.50
N ASP A 101 -5.92 -22.45 1.11
CA ASP A 101 -6.06 -23.90 1.13
C ASP A 101 -4.90 -24.59 1.86
N GLY A 102 -4.34 -23.89 2.85
CA GLY A 102 -3.31 -24.43 3.71
C GLY A 102 -1.93 -24.52 3.10
N TYR A 103 -1.75 -24.12 1.86
CA TYR A 103 -0.50 -24.44 1.17
C TYR A 103 0.56 -23.40 1.49
N GLU A 104 1.78 -23.88 1.71
CA GLU A 104 2.94 -23.07 2.00
C GLU A 104 4.14 -23.64 1.24
N PHE A 105 5.02 -22.75 0.79
CA PHE A 105 6.29 -23.18 0.23
C PHE A 105 7.36 -22.14 0.53
N LYS A 106 8.60 -22.55 0.31
CA LYS A 106 9.75 -21.69 0.51
C LYS A 106 10.42 -21.45 -0.83
N PHE A 107 10.98 -20.27 -0.97
CA PHE A 107 11.71 -19.90 -2.16
C PHE A 107 13.04 -19.34 -1.67
N PRO A 108 14.18 -19.80 -2.20
CA PRO A 108 15.46 -19.32 -1.71
C PRO A 108 15.60 -17.81 -1.83
N ASN A 109 16.16 -17.22 -0.79
CA ASN A 109 16.44 -15.79 -0.75
C ASN A 109 17.82 -15.58 -1.35
N ARG A 110 17.84 -15.14 -2.61
CA ARG A 110 19.07 -15.06 -3.40
C ARG A 110 19.71 -13.70 -3.36
N LEU A 111 19.04 -12.72 -2.80
CA LEU A 111 19.57 -11.39 -2.64
C LEU A 111 20.06 -11.21 -1.21
N ASN A 112 20.69 -10.08 -0.96
CA ASN A 112 21.28 -9.82 0.35
C ASN A 112 20.60 -8.65 1.04
N LEU A 113 19.27 -8.59 1.01
CA LEU A 113 18.58 -7.40 1.49
C LEU A 113 18.35 -7.46 2.99
N GLU A 114 18.60 -6.33 3.66
CA GLU A 114 18.33 -6.26 5.10
C GLU A 114 16.83 -6.21 5.37
N ALA A 115 16.07 -5.59 4.46
CA ALA A 115 14.63 -5.49 4.59
C ALA A 115 14.05 -5.54 3.20
N ILE A 116 12.76 -5.86 3.11
CA ILE A 116 12.01 -5.78 1.87
C ILE A 116 11.35 -4.43 1.86
N ASN A 117 11.73 -3.59 0.90
CA ASN A 117 11.25 -2.22 0.87
C ASN A 117 10.29 -1.92 -0.26
N TYR A 118 10.11 -2.84 -1.19
CA TYR A 118 9.39 -2.60 -2.42
C TYR A 118 8.45 -3.73 -2.70
N MET A 119 7.20 -3.41 -3.05
N MET A 119 7.21 -3.39 -3.04
CA MET A 119 6.25 -4.39 -3.54
CA MET A 119 6.19 -4.29 -3.53
C MET A 119 5.47 -3.82 -4.71
C MET A 119 5.64 -3.72 -4.83
N ALA A 120 5.35 -4.60 -5.79
CA ALA A 120 4.60 -4.19 -6.96
C ALA A 120 3.65 -5.31 -7.35
N ALA A 121 2.43 -4.97 -7.69
CA ALA A 121 1.45 -5.92 -8.17
C ALA A 121 1.12 -5.63 -9.62
N ASP A 122 0.85 -6.68 -10.38
CA ASP A 122 0.52 -6.50 -11.76
C ASP A 122 -0.43 -7.62 -12.15
N GLY A 123 -1.16 -7.40 -13.23
CA GLY A 123 -1.96 -8.47 -13.78
C GLY A 123 -3.35 -8.55 -13.20
N ASP A 124 -3.93 -9.75 -13.27
CA ASP A 124 -5.37 -9.94 -13.09
C ASP A 124 -5.77 -10.18 -11.63
N PHE A 125 -5.35 -9.26 -10.77
CA PHE A 125 -5.50 -9.37 -9.32
C PHE A 125 -5.74 -7.96 -8.80
N LYS A 126 -6.95 -7.68 -8.33
CA LYS A 126 -7.29 -6.35 -7.79
C LYS A 126 -7.03 -6.35 -6.29
N ILE A 127 -6.05 -5.56 -5.84
CA ILE A 127 -5.64 -5.53 -4.44
C ILE A 127 -6.71 -4.82 -3.62
N LYS A 128 -7.17 -5.49 -2.57
CA LYS A 128 -8.19 -4.92 -1.68
C LYS A 128 -7.62 -4.54 -0.32
N CME A 129 -6.52 -5.15 0.14
CA CME A 129 -5.99 -4.89 1.46
CB CME A 129 -6.79 -5.71 2.50
SG CME A 129 -6.24 -5.56 4.19
SD CME A 129 -4.65 -7.01 4.30
CE CME A 129 -5.16 -8.30 3.36
CZ CME A 129 -5.07 -9.61 4.14
OH CME A 129 -5.50 -9.32 5.46
C CME A 129 -4.53 -5.32 1.42
O CME A 129 -4.19 -6.39 0.81
HA CME A 129 -5.99 -3.79 1.74
HB2 CME A 129 -6.73 -6.79 2.21
HB3 CME A 129 -7.85 -5.39 2.45
HE2 CME A 129 -4.51 -8.30 2.45
HE3 CME A 129 -6.20 -8.05 3.03
HZ2 CME A 129 -4.02 -9.99 4.15
HZ3 CME A 129 -5.75 -10.39 3.68
HH CME A 129 -6.26 -8.73 5.40
N VAL A 130 -3.67 -4.48 2.08
N VAL A 130 -3.68 -4.50 2.13
CA VAL A 130 -2.30 -4.84 2.39
CA VAL A 130 -2.32 -4.96 2.36
C VAL A 130 -2.10 -4.61 3.86
C VAL A 130 -1.98 -4.59 3.78
N ALA A 131 -1.48 -5.56 4.55
CA ALA A 131 -1.21 -5.40 5.96
C ALA A 131 0.23 -5.76 6.24
N PHE A 132 0.85 -4.99 7.13
CA PHE A 132 2.27 -5.10 7.45
C PHE A 132 2.36 -5.47 8.92
N ASP A 133 2.12 -6.74 9.22
CA ASP A 133 2.06 -7.28 10.58
C ASP A 133 1.79 -6.21 11.65
N CYS B 1 9.26 9.54 5.08
CA CYS B 1 10.12 8.46 5.53
C CYS B 1 9.29 7.20 5.80
N GLY B 2 7.98 7.32 5.63
CA GLY B 2 7.07 6.20 5.74
C GLY B 2 6.71 5.62 4.38
N LEU B 3 5.71 4.76 4.41
CA LEU B 3 5.18 4.09 3.24
C LEU B 3 4.82 5.07 2.14
N VAL B 4 5.19 4.74 0.92
CA VAL B 4 4.80 5.45 -0.29
C VAL B 4 4.13 4.45 -1.24
N ALA B 5 2.96 4.79 -1.73
CA ALA B 5 2.25 3.92 -2.64
C ALA B 5 1.79 4.71 -3.84
N SER B 6 1.89 4.07 -5.01
N SER B 6 1.89 4.10 -5.02
CA SER B 6 1.54 4.65 -6.30
CA SER B 6 1.48 4.67 -6.27
C SER B 6 0.61 3.68 -7.02
C SER B 6 0.62 3.68 -7.03
N ASN B 7 -0.01 4.18 -8.09
CA ASN B 7 -1.03 3.44 -8.83
C ASN B 7 -2.20 2.97 -7.95
N LEU B 8 -2.60 3.80 -6.98
N LEU B 8 -2.61 3.81 -6.99
CA LEU B 8 -3.70 3.44 -6.08
CA LEU B 8 -3.68 3.43 -6.08
C LEU B 8 -4.99 3.23 -6.86
C LEU B 8 -5.03 3.33 -6.78
N ASN B 9 -5.19 4.03 -7.91
CA ASN B 9 -6.42 4.02 -8.72
C ASN B 9 -7.68 4.18 -7.87
N LEU B 10 -7.64 5.09 -6.90
CA LEU B 10 -8.83 5.39 -6.10
C LEU B 10 -9.74 6.34 -6.87
N LYS B 11 -11.00 5.93 -7.06
CA LYS B 11 -11.94 6.76 -7.78
C LYS B 11 -13.00 7.41 -6.88
N PRO B 12 -13.74 8.39 -7.41
CA PRO B 12 -14.72 9.10 -6.58
C PRO B 12 -15.70 8.15 -5.92
N GLY B 13 -15.94 8.38 -4.62
CA GLY B 13 -16.86 7.57 -3.85
C GLY B 13 -16.25 6.35 -3.21
N GLU B 14 -15.08 5.94 -3.63
CA GLU B 14 -14.38 4.78 -3.09
C GLU B 14 -13.70 5.15 -1.79
N CME B 15 -13.60 4.19 -0.88
CA CME B 15 -13.07 4.47 0.45
CB CME B 15 -13.90 3.83 1.56
SG CME B 15 -13.53 4.41 3.18
SD CME B 15 -14.21 6.37 3.34
CE CME B 15 -15.85 6.22 3.95
CZ CME B 15 -15.92 5.47 5.28
OH CME B 15 -17.21 5.68 5.84
C CME B 15 -11.68 3.91 0.60
O CME B 15 -11.43 2.74 0.34
HA CME B 15 -12.99 5.59 0.55
HB2 CME B 15 -13.73 2.72 1.52
HB3 CME B 15 -14.98 4.02 1.33
HE2 CME B 15 -16.43 5.70 3.13
HE3 CME B 15 -16.24 7.28 4.02
HZ2 CME B 15 -15.13 5.87 5.98
HZ3 CME B 15 -15.75 4.37 5.12
HH CME B 15 -17.12 5.52 6.79
N LEU B 16 -10.76 4.76 1.01
CA LEU B 16 -9.44 4.36 1.39
C LEU B 16 -9.34 4.36 2.91
N ARG B 17 -9.01 3.23 3.52
CA ARG B 17 -8.89 3.13 4.97
C ARG B 17 -7.43 2.88 5.32
N VAL B 18 -6.89 3.72 6.19
CA VAL B 18 -5.49 3.61 6.61
C VAL B 18 -5.49 3.44 8.12
N ARG B 19 -4.96 2.33 8.59
N ARG B 19 -4.95 2.32 8.59
CA ARG B 19 -4.77 2.09 10.01
CA ARG B 19 -4.78 2.05 10.02
CA ARG B 19 -4.77 1.38 10.05
C ARG B 19 -3.29 2.13 10.34
C ARG B 19 -3.30 2.09 10.36
N GLY B 20 -2.94 2.78 11.44
CA GLY B 20 -1.55 2.92 11.82
C GLY B 20 -1.39 3.09 13.32
N GLU B 21 -0.15 3.15 13.74
CA GLU B 21 0.23 3.29 15.14
C GLU B 21 0.82 4.68 15.31
N VAL B 22 0.19 5.48 16.19
CA VAL B 22 0.70 6.79 16.54
C VAL B 22 1.83 6.60 17.56
N ALA B 23 3.00 7.11 17.22
CA ALA B 23 4.16 6.89 18.06
C ALA B 23 3.92 7.42 19.47
N PRO B 24 4.55 6.80 20.48
CA PRO B 24 4.33 7.27 21.86
C PRO B 24 4.84 8.68 22.12
N ASP B 25 5.90 9.10 21.42
CA ASP B 25 6.41 10.45 21.54
C ASP B 25 5.89 11.36 20.45
N ALA B 26 4.68 11.09 19.94
CA ALA B 26 4.26 11.70 18.70
C ALA B 26 4.20 13.21 18.85
N LYS B 27 4.76 13.90 17.87
CA LYS B 27 4.56 15.32 17.72
C LYS B 27 3.83 15.73 16.46
N SER B 28 3.90 14.94 15.40
CA SER B 28 3.27 15.32 14.14
C SER B 28 3.32 14.09 13.25
N PHE B 29 2.28 13.90 12.43
CA PHE B 29 2.35 12.89 11.39
C PHE B 29 1.62 13.42 10.18
N VAL B 30 1.90 12.81 9.03
CA VAL B 30 1.43 13.28 7.74
C VAL B 30 0.93 12.13 6.90
N LEU B 31 -0.23 12.30 6.29
N LEU B 31 -0.18 12.34 6.20
CA LEU B 31 -0.69 11.50 5.17
CA LEU B 31 -0.67 11.43 5.16
C LEU B 31 -0.85 12.45 4.00
C LEU B 31 -1.00 12.27 3.93
N ASN B 32 -0.16 12.15 2.90
CA ASN B 32 -0.30 12.87 1.65
C ASN B 32 -1.03 11.99 0.64
N LEU B 33 -1.98 12.59 -0.08
N LEU B 33 -2.00 12.59 -0.05
CA LEU B 33 -2.73 11.96 -1.14
CA LEU B 33 -2.70 11.94 -1.15
C LEU B 33 -2.78 12.85 -2.37
C LEU B 33 -2.68 12.86 -2.36
N GLY B 34 -2.68 12.26 -3.53
CA GLY B 34 -2.85 13.04 -4.74
C GLY B 34 -2.54 12.28 -5.99
N LYS B 35 -2.07 13.01 -7.00
CA LYS B 35 -1.64 12.41 -8.26
C LYS B 35 -0.23 11.88 -8.17
N ASP B 36 0.65 12.62 -7.48
CA ASP B 36 2.06 12.30 -7.31
C ASP B 36 2.59 13.24 -6.23
N SER B 37 3.88 13.15 -5.95
CA SER B 37 4.43 13.87 -4.81
C SER B 37 4.35 15.39 -4.96
N ASN B 38 4.16 15.90 -6.17
CA ASN B 38 4.10 17.34 -6.37
C ASN B 38 2.70 17.86 -6.59
N ASN B 39 1.71 16.99 -6.58
CA ASN B 39 0.33 17.33 -6.89
C ASN B 39 -0.53 16.61 -5.87
N LEU B 40 -0.68 17.24 -4.71
CA LEU B 40 -1.40 16.67 -3.59
C LEU B 40 -2.78 17.33 -3.47
N CYS B 41 -3.80 16.52 -3.52
CA CYS B 41 -5.10 17.04 -3.16
C CYS B 41 -5.28 17.11 -1.66
N LEU B 42 -4.55 16.32 -0.88
CA LEU B 42 -4.69 16.36 0.57
C LEU B 42 -3.33 16.12 1.20
N HIS B 43 -2.79 17.14 1.82
CA HIS B 43 -1.74 17.02 2.82
C HIS B 43 -2.42 17.07 4.18
N PHE B 44 -2.51 15.95 4.86
CA PHE B 44 -3.25 15.80 6.11
C PHE B 44 -2.22 15.70 7.23
N ASN B 45 -2.16 16.71 8.11
CA ASN B 45 -1.07 16.82 9.09
C ASN B 45 -1.57 17.11 10.49
N PRO B 46 -1.94 16.06 11.23
CA PRO B 46 -2.20 16.24 12.67
C PRO B 46 -0.93 16.65 13.40
N ARG B 47 -1.00 17.76 14.12
CA ARG B 47 0.14 18.27 14.86
C ARG B 47 -0.20 18.21 16.34
N PHE B 48 0.47 17.31 17.05
CA PHE B 48 0.34 17.30 18.50
C PHE B 48 1.03 18.51 19.09
N ASN B 49 2.27 18.74 18.67
CA ASN B 49 3.05 19.91 19.10
C ASN B 49 4.16 20.09 18.05
N ALA B 50 3.88 20.89 17.02
CA ALA B 50 4.80 21.03 15.90
C ALA B 50 4.43 22.24 15.06
N HIS B 51 5.47 22.88 14.52
CA HIS B 51 5.35 24.01 13.59
C HIS B 51 4.42 25.06 14.13
N GLY B 52 4.45 25.27 15.44
CA GLY B 52 3.69 26.33 16.03
C GLY B 52 2.25 26.01 16.34
N ASP B 53 1.84 24.74 16.27
CA ASP B 53 0.49 24.31 16.51
C ASP B 53 0.44 23.24 17.60
N ALA B 54 -0.58 23.30 18.44
CA ALA B 54 -0.84 22.29 19.45
C ALA B 54 -2.20 21.66 19.18
N ASN B 55 -2.23 20.32 19.14
CA ASN B 55 -3.46 19.55 18.96
C ASN B 55 -4.37 20.14 17.89
N THR B 56 -3.79 20.31 16.69
CA THR B 56 -4.47 20.89 15.56
C THR B 56 -4.17 20.07 14.31
N ILE B 57 -5.20 19.78 13.53
CA ILE B 57 -5.00 19.21 12.20
C ILE B 57 -4.85 20.35 11.21
N VAL B 58 -3.75 20.36 10.49
CA VAL B 58 -3.48 21.27 9.38
C VAL B 58 -3.65 20.49 8.09
N CYS B 59 -4.45 21.01 7.18
CA CYS B 59 -4.60 20.46 5.85
C CYS B 59 -4.13 21.47 4.81
N ASN B 60 -3.60 20.98 3.71
CA ASN B 60 -3.22 21.81 2.58
C ASN B 60 -3.25 20.98 1.31
N SER B 61 -3.05 21.65 0.19
CA SER B 61 -2.86 21.09 -1.14
C SER B 61 -1.48 21.49 -1.63
N LYS B 62 -1.06 20.82 -2.70
CA LYS B 62 0.16 21.17 -3.41
C LYS B 62 -0.15 21.00 -4.88
N ASP B 63 0.12 22.05 -5.67
CA ASP B 63 -0.25 22.09 -7.07
C ASP B 63 1.01 22.38 -7.86
N GLY B 64 1.51 21.39 -8.61
CA GLY B 64 2.73 21.64 -9.37
C GLY B 64 3.89 22.08 -8.52
N GLY B 65 4.02 21.51 -7.33
CA GLY B 65 5.08 21.83 -6.42
C GLY B 65 4.84 22.98 -5.46
N ALA B 66 3.74 23.71 -5.60
CA ALA B 66 3.48 24.93 -4.83
C ALA B 66 2.42 24.63 -3.77
N TRP B 67 2.77 24.88 -2.50
CA TRP B 67 1.81 24.69 -1.43
C TRP B 67 0.67 25.68 -1.60
N GLY B 68 -0.53 25.22 -1.28
CA GLY B 68 -1.69 26.07 -1.18
C GLY B 68 -1.79 26.76 0.17
N THR B 69 -3.01 27.20 0.45
CA THR B 69 -3.34 27.89 1.68
C THR B 69 -3.76 26.86 2.71
N GLU B 70 -3.16 26.90 3.89
CA GLU B 70 -3.50 25.97 4.95
C GLU B 70 -4.93 26.19 5.43
N GLN B 71 -5.59 25.09 5.80
CA GLN B 71 -6.85 25.09 6.52
C GLN B 71 -6.66 24.34 7.83
N ARG B 72 -7.10 24.90 8.95
CA ARG B 72 -6.99 24.26 10.24
C ARG B 72 -8.34 23.76 10.70
N GLU B 73 -8.38 22.54 11.16
CA GLU B 73 -9.63 21.92 11.56
C GLU B 73 -9.95 22.27 13.00
N ALA B 74 -11.17 21.90 13.39
CA ALA B 74 -11.72 22.22 14.69
C ALA B 74 -11.64 21.05 15.67
N VAL B 75 -11.19 19.87 15.23
CA VAL B 75 -11.25 18.67 16.05
C VAL B 75 -9.90 17.97 16.02
N PHE B 76 -9.62 17.19 17.07
CA PHE B 76 -8.34 16.50 17.19
C PHE B 76 -8.50 15.22 17.98
N PRO B 77 -9.05 14.17 17.36
CA PRO B 77 -9.28 12.89 18.06
C PRO B 77 -8.12 11.91 17.91
N PHE B 78 -6.91 12.39 18.21
CA PHE B 78 -5.72 11.57 18.18
C PHE B 78 -5.00 11.67 19.52
N GLN B 79 -4.36 10.58 19.91
CA GLN B 79 -3.56 10.52 21.13
C GLN B 79 -2.23 9.86 20.80
N PRO B 80 -1.10 10.34 21.35
CA PRO B 80 0.15 9.61 21.13
C PRO B 80 0.06 8.20 21.69
N GLY B 81 0.81 7.30 21.07
CA GLY B 81 0.91 5.93 21.55
C GLY B 81 -0.37 5.13 21.46
N SER B 82 -1.13 5.31 20.38
CA SER B 82 -2.38 4.61 20.20
C SER B 82 -2.49 4.19 18.74
N VAL B 83 -3.45 3.34 18.47
CA VAL B 83 -3.78 2.98 17.10
C VAL B 83 -4.84 3.95 16.60
N ALA B 84 -4.77 4.28 15.31
CA ALA B 84 -5.75 5.18 14.73
C ALA B 84 -6.02 4.77 13.29
N GLU B 85 -7.28 4.92 12.89
CA GLU B 85 -7.73 4.67 11.53
C GLU B 85 -8.25 5.98 10.96
N VAL B 86 -7.85 6.29 9.73
CA VAL B 86 -8.39 7.41 8.98
C VAL B 86 -9.00 6.82 7.71
N CME B 87 -10.14 7.35 7.29
CA CME B 87 -10.86 6.88 6.12
CB CME B 87 -12.16 6.24 6.48
SG CME B 87 -11.99 4.89 7.62
SD CME B 87 -13.61 5.26 8.95
CE CME B 87 -12.93 6.23 10.26
CZ CME B 87 -12.10 5.38 11.22
OH CME B 87 -11.64 6.16 12.30
C CME B 87 -11.11 8.07 5.22
O CME B 87 -11.61 9.10 5.67
HA CME B 87 -10.21 6.16 5.53
HB2 CME B 87 -12.64 5.87 5.53
HB3 CME B 87 -12.83 7.02 6.91
HE2 CME B 87 -13.80 6.74 10.76
HE3 CME B 87 -12.32 7.04 9.76
HZ2 CME B 87 -11.22 4.95 10.67
HZ3 CME B 87 -12.74 4.54 11.61
HH CME B 87 -10.93 6.71 11.96
N ILE B 88 -10.74 7.95 3.95
CA ILE B 88 -10.82 9.07 3.02
C ILE B 88 -11.59 8.67 1.77
N THR B 89 -12.49 9.53 1.37
CA THR B 89 -13.20 9.46 0.12
C THR B 89 -13.18 10.83 -0.53
N PHE B 90 -13.48 10.89 -1.82
CA PHE B 90 -13.51 12.19 -2.48
C PHE B 90 -14.53 12.18 -3.60
N ASP B 91 -14.86 13.38 -4.07
CA ASP B 91 -15.72 13.58 -5.23
C ASP B 91 -15.28 14.86 -5.91
N GLN B 92 -16.16 15.41 -6.74
CA GLN B 92 -15.76 16.55 -7.56
CA GLN B 92 -15.79 16.55 -7.57
C GLN B 92 -15.48 17.78 -6.72
N ALA B 93 -16.19 17.94 -5.59
CA ALA B 93 -16.06 19.14 -4.80
C ALA B 93 -15.09 19.00 -3.64
N ASN B 94 -15.04 17.83 -2.99
CA ASN B 94 -14.44 17.74 -1.67
C ASN B 94 -13.81 16.38 -1.43
N LEU B 95 -12.79 16.39 -0.58
CA LEU B 95 -12.37 15.20 0.13
C LEU B 95 -13.11 15.15 1.46
N THR B 96 -13.61 13.97 1.81
CA THR B 96 -14.17 13.73 3.13
C THR B 96 -13.22 12.84 3.90
N VAL B 97 -12.80 13.30 5.04
CA VAL B 97 -11.87 12.64 5.93
C VAL B 97 -12.62 12.22 7.19
N LYS B 98 -12.76 10.91 7.41
CA LYS B 98 -13.35 10.38 8.62
C LYS B 98 -12.27 9.97 9.59
N LEU B 99 -12.43 10.33 10.85
CA LEU B 99 -11.40 10.23 11.86
C LEU B 99 -11.92 9.33 12.97
N PRO B 100 -11.09 9.02 13.96
CA PRO B 100 -11.58 8.23 15.10
C PRO B 100 -12.67 8.98 15.87
N ASP B 101 -13.46 8.21 16.60
CA ASP B 101 -14.46 8.74 17.52
C ASP B 101 -15.61 9.46 16.83
N GLY B 102 -15.83 9.16 15.56
CA GLY B 102 -16.95 9.71 14.84
C GLY B 102 -16.77 11.09 14.26
N TYR B 103 -15.57 11.65 14.31
CA TYR B 103 -15.32 12.98 13.75
C TYR B 103 -15.10 12.86 12.25
N GLU B 104 -15.43 13.92 11.53
CA GLU B 104 -15.18 14.00 10.10
C GLU B 104 -15.11 15.45 9.66
N PHE B 105 -14.42 15.69 8.56
CA PHE B 105 -14.39 17.02 7.99
C PHE B 105 -14.22 16.91 6.50
N LYS B 106 -14.46 18.02 5.83
CA LYS B 106 -14.31 18.10 4.38
C LYS B 106 -13.22 19.10 4.05
N PHE B 107 -12.51 18.81 2.99
CA PHE B 107 -11.47 19.71 2.49
C PHE B 107 -11.72 19.85 1.00
N PRO B 108 -11.70 21.06 0.43
CA PRO B 108 -12.05 21.19 -1.00
C PRO B 108 -11.05 20.49 -1.90
N ASN B 109 -11.56 19.90 -2.97
CA ASN B 109 -10.76 19.26 -4.01
C ASN B 109 -10.24 20.34 -4.95
N ARG B 110 -9.17 21.01 -4.52
CA ARG B 110 -8.66 22.19 -5.22
C ARG B 110 -8.05 21.89 -6.58
N LEU B 111 -7.49 20.71 -6.74
N LEU B 111 -7.49 20.69 -6.75
CA LEU B 111 -6.91 20.31 -8.01
CA LEU B 111 -6.91 20.26 -8.01
C LEU B 111 -7.97 19.81 -8.98
C LEU B 111 -7.93 19.58 -8.92
N ASN B 112 -9.19 19.55 -8.51
CA ASN B 112 -10.22 18.91 -9.32
C ASN B 112 -9.81 17.51 -9.75
N LEU B 113 -9.18 16.75 -8.85
CA LEU B 113 -8.74 15.42 -9.25
C LEU B 113 -9.96 14.52 -9.42
N GLU B 114 -9.89 13.65 -10.44
N GLU B 114 -9.90 13.66 -10.44
CA GLU B 114 -10.88 12.60 -10.67
CA GLU B 114 -10.89 12.62 -10.63
C GLU B 114 -10.31 11.22 -10.40
C GLU B 114 -10.39 11.25 -10.20
N ALA B 115 -9.11 11.15 -9.84
CA ALA B 115 -8.51 9.91 -9.38
C ALA B 115 -7.43 10.26 -8.37
N ILE B 116 -7.25 9.42 -7.37
CA ILE B 116 -6.14 9.56 -6.44
C ILE B 116 -5.22 8.36 -6.67
N ASN B 117 -3.99 8.63 -7.10
CA ASN B 117 -3.08 7.55 -7.41
C ASN B 117 -1.87 7.45 -6.50
N TYR B 118 -1.68 8.38 -5.58
CA TYR B 118 -0.49 8.50 -4.76
C TYR B 118 -0.86 8.69 -3.31
N MET B 119 -0.16 7.97 -2.43
CA MET B 119 -0.23 8.16 -1.01
C MET B 119 1.15 8.07 -0.42
N ALA B 120 1.42 8.86 0.59
CA ALA B 120 2.67 8.81 1.31
C ALA B 120 2.44 9.20 2.76
N ALA B 121 3.10 8.48 3.64
CA ALA B 121 3.08 8.74 5.06
C ALA B 121 4.45 9.23 5.52
N ASP B 122 4.43 10.10 6.52
CA ASP B 122 5.66 10.62 7.11
C ASP B 122 5.37 10.92 8.57
N GLY B 123 6.42 11.00 9.36
CA GLY B 123 6.26 11.41 10.73
C GLY B 123 5.89 10.29 11.67
N ASP B 124 5.20 10.61 12.74
CA ASP B 124 5.05 9.70 13.87
C ASP B 124 3.83 8.79 13.74
N PHE B 125 3.70 8.17 12.56
CA PHE B 125 2.57 7.30 12.20
C PHE B 125 3.07 6.11 11.37
N LYS B 126 3.01 4.93 11.94
CA LYS B 126 3.48 3.72 11.26
C LYS B 126 2.27 3.01 10.67
N ILE B 127 2.19 2.96 9.34
CA ILE B 127 1.05 2.32 8.70
C ILE B 127 1.13 0.82 8.88
N LYS B 128 0.01 0.21 9.33
CA LYS B 128 -0.14 -1.22 9.56
C LYS B 128 -1.07 -1.89 8.57
N CYS B 129 -2.02 -1.16 8.00
CA CYS B 129 -2.94 -1.73 7.04
C CYS B 129 -3.49 -0.63 6.17
N VAL B 130 -3.62 -0.93 4.89
N VAL B 130 -3.62 -0.90 4.87
CA VAL B 130 -4.28 -0.08 3.90
CA VAL B 130 -4.32 0.02 3.97
C VAL B 130 -5.32 -0.94 3.24
C VAL B 130 -5.28 -0.80 3.13
N ALA B 131 -6.55 -0.45 3.18
CA ALA B 131 -7.63 -1.18 2.57
C ALA B 131 -8.40 -0.29 1.61
N PHE B 132 -8.94 -0.92 0.57
CA PHE B 132 -9.72 -0.26 -0.47
C PHE B 132 -11.14 -0.81 -0.50
N ASP B 133 -12.12 0.05 -0.26
CA ASP B 133 -13.50 -0.28 -0.58
C ASP B 133 -13.90 0.47 -1.85
C1 BME C . 19.29 -3.06 0.08
C1 BME C . 18.83 -3.58 1.25
C2 BME C . 17.90 -2.51 0.43
C2 BME C . 18.11 -2.43 1.95
O1 BME C . 19.40 -4.30 0.74
O1 BME C . 19.59 -4.26 2.24
S2 BME C . 17.54 -2.99 2.15
S2 BME C . 17.47 -1.27 0.71
H11 BME C . 19.35 -3.17 -0.88
H11 BME C . 19.41 -3.24 0.56
H12 BME C . 19.98 -2.46 0.39
H12 BME C . 18.18 -4.19 0.87
H21 BME C . 17.23 -2.87 -0.16
H21 BME C . 17.38 -2.77 2.47
H22 BME C . 17.90 -1.53 0.36
H22 BME C . 18.73 -1.96 2.53
HO1 BME C . 18.69 -4.41 1.19
HO1 BME C . 19.42 -3.88 2.97
HS2 BME C . 16.91 -2.04 2.49
HS2 BME C . 17.00 -0.44 1.42
C4 OVD D . 9.62 -16.99 -19.25
C5 OVD D . 10.05 -16.88 -20.70
C6 OVD D . 10.66 -15.51 -20.99
C7 OVD D . 9.88 -21.82 -18.78
C8 OVD D . 9.01 -23.13 -18.88
N2 OVD D . 9.35 -20.74 -19.40
C3 OVD D . 8.99 -18.35 -19.10
C1 OVD D . 10.57 -19.17 -20.82
C2 OVD D . 10.03 -19.43 -19.43
CAF OVD D . 11.17 -21.29 -21.64
CAM OVD D . 12.13 -21.64 -22.71
CAO OVD D . 10.24 -15.10 -14.57
CAP OVD D . 8.08 -13.93 -18.05
CAQ OVD D . 8.46 -12.84 -17.08
CAR OVD D . 8.70 -13.50 -15.73
CAS OVD D . 9.80 -14.57 -15.93
CAU OVD D . 9.13 -15.02 -18.09
CAY OVD D . 12.35 -23.04 -23.12
CAZ OVD D . 7.78 -10.95 -16.09
CBA OVD D . 6.62 -9.92 -16.26
CBB OVD D . 6.31 -9.30 -17.39
NBC OVD D . 5.25 -8.54 -17.08
NBD OVD D . 4.98 -8.72 -15.85
NBE OVD D . 5.75 -9.53 -15.33
O1 OVD D . 11.67 -20.04 -21.09
O3 OVD D . 8.55 -18.57 -17.78
O4 OVD D . 8.65 -15.99 -18.99
O5 OVD D . 11.08 -17.84 -20.96
O6 OVD D . 11.83 -15.36 -20.20
O7 OVD D . 10.97 -21.80 -18.21
OAN OVD D . 7.94 -13.37 -19.35
OAT OVD D . 9.30 -15.62 -16.77
OAV OVD D . 7.43 -14.06 -15.25
OAW OVD D . 11.05 -16.28 -14.73
OAX OVD D . 7.39 -11.92 -17.03
H4 OVD D . 10.46 -16.87 -18.57
H5 OVD D . 9.18 -17.03 -21.32
H62 OVD D . 9.94 -14.74 -20.74
H61 OVD D . 10.91 -15.45 -22.05
H82 OVD D . 7.99 -22.87 -19.14
H81 OVD D . 9.02 -23.63 -17.91
H83 OVD D . 9.43 -23.79 -19.63
H22 OVD D . 8.47 -20.82 -19.85
H31 OVD D . 8.15 -18.42 -19.78
H1 OVD D . 9.73 -19.34 -21.51
H21 OVD D . 10.85 -19.42 -18.73
HAF OVD D . 10.18 -21.16 -22.05
H63 OVD D . 11.16 -22.06 -20.87
H2 OVD D . 13.07 -21.09 -22.61
HAO OVD D . 9.38 -15.33 -13.96
H64 OVD D . 10.85 -14.33 -14.06
HAP OVD D . 7.14 -14.38 -17.73
HAQ OVD D . 9.35 -12.30 -17.38
HAR OVD D . 9.06 -12.80 -14.98
HAS OVD D . 10.66 -14.14 -16.43
HAU OVD D . 10.09 -14.61 -18.39
H3 OVD D . 11.51 -23.71 -22.97
H65 OVD D . 13.39 -23.32 -23.25
HAZ OVD D . 7.81 -11.36 -15.08
H66 OVD D . 8.75 -10.51 -16.34
HBB OVD D . 6.80 -9.39 -18.35
HBC OVD D . 4.77 -7.92 -17.70
H32 OVD D . 9.02 -17.94 -17.16
H67 OVD D . 12.24 -16.27 -20.03
HAN OVD D . 7.22 -12.67 -19.34
HAV OVD D . 7.58 -14.96 -14.84
HAW OVD D . 10.86 -16.91 -13.98
S SO4 E . -11.85 1.65 -12.58
O1 SO4 E . -12.29 2.40 -13.76
O2 SO4 E . -12.92 0.77 -12.11
O3 SO4 E . -11.43 2.55 -11.49
O4 SO4 E . -10.68 0.86 -12.98
C4 OVD F . 4.42 25.76 8.17
C5 OVD F . 5.72 26.53 8.35
C6 OVD F . 6.66 26.33 7.18
C7 OVD F . 1.68 28.56 11.15
C8 OVD F . 1.09 28.52 12.57
N2 OVD F . 2.59 27.59 10.89
C3 OVD F . 3.54 26.04 9.36
C1 OVD F . 4.73 28.15 9.65
C2 OVD F . 3.33 27.51 9.61
CAF OVD F . 5.48 30.17 10.96
CAM OVD F . 4.81 29.22 11.96
CAO OVD F . 1.77 22.55 4.91
CAP OVD F . 5.37 22.30 7.26
CAQ OVD F . 5.26 21.42 6.04
CAR OVD F . 3.79 21.29 5.65
CAS OVD F . 3.24 22.67 5.38
CAU OVD F . 4.75 23.64 6.97
CAY OVD F . 5.52 28.43 12.99
CAZ OVD F . 6.18 19.42 5.20
CBA OVD F . 6.50 18.00 5.63
CBB OVD F . 7.62 17.61 6.21
NBC OVD F . 7.44 16.31 6.41
NBD OVD F . 6.29 15.97 5.98
NBE OVD F . 5.69 16.96 5.51
O1 OVD F . 4.69 29.62 9.86
O3 OVD F . 2.20 25.43 9.17
O4 OVD F . 4.78 24.40 8.18
O5 OVD F . 5.43 27.92 8.44
O6 OVD F . 6.06 26.89 6.00
O7 OVD F . 1.33 29.40 10.35
OAN OVD F . 6.75 22.51 7.63
OAT OVD F . 3.37 23.47 6.59
OAV OVD F . 3.12 20.66 6.75
OAW OVD F . 1.26 23.85 4.76
OAX OVD F . 5.76 20.13 6.37
H4 OVD F . 3.89 26.03 7.26
H5 OVD F . 6.19 26.16 9.26
H62 OVD F . 6.85 25.27 7.02
H61 OVD F . 7.61 26.84 7.38
H82 OVD F . 1.81 28.98 13.27
H81 OVD F . 0.16 29.08 12.60
H83 OVD F . 0.90 27.50 12.87
H22 OVD F . 2.87 26.98 11.63
H31 OVD F . 4.06 25.60 10.22
H1 OVD F . 5.24 27.69 10.50
H21 OVD F . 2.76 28.05 8.85
HAF OVD F . 6.55 30.00 10.85
H63 OVD F . 5.29 31.22 11.15
H2 OVD F . 4.08 28.61 11.45
HAO OVD F . 1.19 22.02 5.66
H64 OVD F . 1.73 22.02 3.97
HAP OVD F . 4.84 21.81 8.08
HAQ OVD F . 5.84 21.85 5.21
HAR OVD F . 3.66 20.70 4.74
HAS OVD F . 3.80 23.17 4.60
HAU OVD F . 5.28 24.14 6.16
H3 OVD F . 6.44 28.87 13.38
H65 OVD F . 5.20 27.39 13.07
HAZ OVD F . 7.07 19.90 4.77
H66 OVD F . 5.39 19.42 4.45
HBB OVD F . 8.49 18.21 6.46
HBC OVD F . 8.10 15.69 6.84
H32 OVD F . 2.15 25.04 8.26
H67 OVD F . 5.28 26.33 5.73
HAN OVD F . 7.22 23.04 6.91
HAV OVD F . 2.25 21.11 6.91
HAW OVD F . 1.54 24.43 5.53
#